data_1Y14
#
_entry.id   1Y14
#
_cell.length_a   103.646
_cell.length_b   114.810
_cell.length_c   80.479
_cell.angle_alpha   90.00
_cell.angle_beta   90.00
_cell.angle_gamma   90.00
#
_symmetry.space_group_name_H-M   'P 21 21 2'
#
loop_
_entity.id
_entity.type
_entity.pdbx_description
1 polymer 'DNA-directed RNA polymerase II 32 kDa polypeptide'
2 polymer 'DNA-directed RNA polymerase II 19 kDa polypeptide'
3 water water
#
loop_
_entity_poly.entity_id
_entity_poly.type
_entity_poly.pdbx_seq_one_letter_code
_entity_poly.pdbx_strand_id
1 'polypeptide(L)'
;LKQINHQGEEEELIALNLSEARLVIKEALVERRRAFKRSQKKHKKKHLKHENANDETTAVEDEDDDLDEDDVNADDDDFM
HSETREKELESIDVLLEQTTGGNNKDLKNTMQYLTNFSRFRDQETVGAVIQLLKSTGLHPFEVAQLGSLACDTADEAKTL
IPSLNNKISDDELERILKELSNLETLY
;
A,C
2 'polypeptide(L)'
;MFFIKDLSLNITLHPSFFGPRMKQYLKTKLLEEVEGSCTGKFGYILCVLDYDNIDIQRGRILPTDGSAEFNVKYRAVVFK
PFKGEVVDGTVVSCSQHGFEVQVGPMKVFVTKHLMPQDLTFNAGSNPPSYQSSEDVITIKSRIRVKIEGCISQVSSIHAI
GSIKEDYLGAI
;
B,D
#
# COMPACT_ATOMS: atom_id res chain seq x y z
N GLU A 12 9.34 20.95 14.65
CA GLU A 12 7.88 21.04 14.95
C GLU A 12 7.07 21.24 13.66
N LEU A 13 5.78 20.92 13.72
CA LEU A 13 4.88 21.08 12.56
C LEU A 13 3.60 21.82 12.95
N ILE A 14 3.12 22.64 12.03
CA ILE A 14 1.90 23.40 12.25
C ILE A 14 0.88 22.86 11.24
N ALA A 15 -0.17 22.21 11.73
CA ALA A 15 -1.20 21.63 10.87
C ALA A 15 -2.23 22.66 10.48
N LEU A 16 -2.65 22.63 9.22
CA LEU A 16 -3.64 23.57 8.73
C LEU A 16 -4.85 22.85 8.19
N ASN A 17 -6.05 23.41 8.37
CA ASN A 17 -7.21 22.79 7.76
C ASN A 17 -7.12 23.31 6.31
N LEU A 18 -7.93 22.75 5.40
CA LEU A 18 -7.87 23.16 4.01
C LEU A 18 -8.02 24.67 3.81
N SER A 19 -9.01 25.25 4.47
CA SER A 19 -9.28 26.68 4.33
C SER A 19 -8.12 27.58 4.75
N GLU A 20 -7.36 27.19 5.76
CA GLU A 20 -6.25 28.03 6.19
C GLU A 20 -5.09 27.88 5.19
N ALA A 21 -4.90 26.68 4.65
CA ALA A 21 -3.82 26.45 3.69
C ALA A 21 -4.08 27.30 2.47
N ARG A 22 -5.34 27.36 2.05
CA ARG A 22 -5.71 28.19 0.92
C ARG A 22 -5.33 29.65 1.19
N LEU A 23 -5.77 30.18 2.32
CA LEU A 23 -5.45 31.57 2.66
C LEU A 23 -3.94 31.80 2.84
N VAL A 24 -3.24 30.87 3.47
CA VAL A 24 -1.79 31.03 3.69
C VAL A 24 -1.03 31.09 2.34
N ILE A 25 -1.48 30.30 1.38
CA ILE A 25 -0.86 30.28 0.06
C ILE A 25 -1.18 31.54 -0.76
N LYS A 26 -2.45 31.93 -0.81
CA LYS A 26 -2.82 33.12 -1.59
C LYS A 26 -2.07 34.34 -1.07
N GLU A 27 -2.06 34.50 0.25
CA GLU A 27 -1.39 35.62 0.87
C GLU A 27 0.09 35.62 0.49
N ALA A 28 0.73 34.46 0.54
CA ALA A 28 2.15 34.36 0.23
C ALA A 28 2.40 34.75 -1.22
N LEU A 29 1.57 34.25 -2.14
CA LEU A 29 1.75 34.56 -3.55
C LEU A 29 1.38 36.02 -3.87
N VAL A 30 0.40 36.57 -3.17
CA VAL A 30 0.01 37.95 -3.40
C VAL A 30 1.17 38.85 -3.03
N GLU A 31 1.78 38.58 -1.88
CA GLU A 31 2.92 39.33 -1.37
C GLU A 31 4.09 39.19 -2.33
N ARG A 32 4.24 38.02 -2.93
CA ARG A 32 5.34 37.77 -3.86
C ARG A 32 5.13 38.55 -5.15
N ARG A 33 3.88 38.56 -5.62
CA ARG A 33 3.51 39.30 -6.82
C ARG A 33 3.93 40.77 -6.63
N ARG A 34 3.66 41.29 -5.44
CA ARG A 34 4.00 42.69 -5.14
C ARG A 34 5.50 42.85 -5.09
N ALA A 35 6.17 42.04 -4.28
CA ALA A 35 7.62 42.09 -4.15
C ALA A 35 8.26 42.06 -5.53
N PHE A 36 7.61 41.36 -6.46
CA PHE A 36 8.13 41.28 -7.82
C PHE A 36 7.80 42.56 -8.59
N LYS A 37 6.54 43.00 -8.54
CA LYS A 37 6.13 44.22 -9.23
C LYS A 37 6.82 45.46 -8.66
N ARG A 38 7.31 45.35 -7.43
CA ARG A 38 8.01 46.45 -6.80
C ARG A 38 9.47 46.37 -7.23
N SER A 39 10.34 46.14 -6.25
CA SER A 39 11.78 46.04 -6.47
C SER A 39 12.12 45.28 -7.75
N GLN A 40 12.40 46.04 -8.80
CA GLN A 40 12.77 45.47 -10.09
C GLN A 40 14.08 46.10 -10.57
N THR A 84 -16.27 34.11 -6.05
CA THR A 84 -16.85 32.94 -6.70
C THR A 84 -15.86 31.78 -6.79
N ARG A 85 -16.40 30.59 -6.63
CA ARG A 85 -15.63 29.34 -6.67
C ARG A 85 -14.88 29.18 -8.00
N GLU A 86 -15.61 29.00 -9.08
CA GLU A 86 -15.00 28.82 -10.40
C GLU A 86 -14.28 30.07 -10.89
N LYS A 87 -14.75 31.25 -10.49
CA LYS A 87 -14.09 32.46 -10.92
C LYS A 87 -12.71 32.53 -10.27
N GLU A 88 -12.58 31.94 -9.08
CA GLU A 88 -11.31 31.91 -8.38
C GLU A 88 -10.39 30.95 -9.15
N LEU A 89 -10.98 29.89 -9.67
CA LEU A 89 -10.23 28.89 -10.44
C LEU A 89 -9.50 29.54 -11.60
N GLU A 90 -10.10 30.56 -12.19
CA GLU A 90 -9.51 31.27 -13.31
C GLU A 90 -8.39 32.20 -12.88
N SER A 91 -8.51 32.72 -11.66
CA SER A 91 -7.50 33.64 -11.11
C SER A 91 -6.20 32.89 -10.75
N ILE A 92 -6.30 31.57 -10.61
CA ILE A 92 -5.15 30.74 -10.28
C ILE A 92 -4.09 30.83 -11.36
N ASP A 93 -4.44 30.34 -12.54
CA ASP A 93 -3.54 30.35 -13.68
C ASP A 93 -2.82 31.69 -13.75
N VAL A 94 -3.59 32.77 -13.66
CA VAL A 94 -3.04 34.11 -13.70
C VAL A 94 -1.99 34.30 -12.60
N LEU A 95 -2.45 34.19 -11.35
CA LEU A 95 -1.58 34.35 -10.19
C LEU A 95 -0.32 33.49 -10.24
N LEU A 96 -0.49 32.19 -10.52
CA LEU A 96 0.65 31.29 -10.58
C LEU A 96 1.64 31.76 -11.63
N GLU A 97 1.11 32.17 -12.77
CA GLU A 97 1.92 32.63 -13.88
C GLU A 97 2.89 33.72 -13.46
N GLN A 98 2.38 34.71 -12.74
CA GLN A 98 3.17 35.84 -12.31
C GLN A 98 4.03 35.60 -11.08
N THR A 99 3.85 34.48 -10.41
CA THR A 99 4.62 34.22 -9.21
C THR A 99 5.46 32.96 -9.18
N THR A 100 5.24 32.05 -10.12
CA THR A 100 6.00 30.81 -10.14
C THR A 100 6.65 30.48 -11.48
N GLY A 101 7.60 29.55 -11.44
CA GLY A 101 8.33 29.13 -12.63
C GLY A 101 7.53 28.82 -13.88
N GLY A 102 6.38 28.19 -13.72
CA GLY A 102 5.57 27.86 -14.88
C GLY A 102 5.29 26.36 -14.89
N ASN A 103 6.15 25.62 -14.20
CA ASN A 103 6.00 24.18 -14.08
C ASN A 103 5.14 23.90 -12.85
N ASN A 104 5.78 23.67 -11.71
CA ASN A 104 5.09 23.38 -10.45
C ASN A 104 3.63 22.95 -10.61
N LYS A 105 3.47 21.74 -11.15
CA LYS A 105 2.15 21.17 -11.35
C LYS A 105 1.49 20.88 -10.00
N ASP A 106 2.30 20.53 -9.00
CA ASP A 106 1.79 20.22 -7.68
C ASP A 106 1.04 21.41 -7.06
N LEU A 107 1.68 22.59 -7.07
CA LEU A 107 1.06 23.77 -6.50
C LEU A 107 -0.23 24.11 -7.24
N LYS A 108 -0.21 23.98 -8.55
CA LYS A 108 -1.39 24.25 -9.35
C LYS A 108 -2.52 23.29 -9.01
N ASN A 109 -2.21 21.99 -8.91
CA ASN A 109 -3.25 21.01 -8.55
C ASN A 109 -3.77 21.31 -7.13
N THR A 110 -2.86 21.71 -6.26
CA THR A 110 -3.22 22.04 -4.89
C THR A 110 -4.22 23.20 -4.81
N MET A 111 -3.92 24.29 -5.50
CA MET A 111 -4.81 25.44 -5.46
C MET A 111 -6.20 25.13 -6.02
N GLN A 112 -6.27 24.32 -7.07
CA GLN A 112 -7.59 23.99 -7.63
C GLN A 112 -8.35 23.18 -6.59
N TYR A 113 -7.62 22.29 -5.93
CA TYR A 113 -8.19 21.43 -4.89
C TYR A 113 -8.69 22.31 -3.73
N LEU A 114 -7.80 23.13 -3.19
CA LEU A 114 -8.15 24.03 -2.10
C LEU A 114 -9.34 24.93 -2.49
N THR A 115 -9.35 25.37 -3.74
CA THR A 115 -10.44 26.22 -4.22
C THR A 115 -11.78 25.50 -4.15
N ASN A 116 -11.80 24.23 -4.56
CA ASN A 116 -13.08 23.50 -4.54
C ASN A 116 -13.42 22.81 -3.23
N PHE A 117 -12.45 22.60 -2.36
CA PHE A 117 -12.76 21.91 -1.12
C PHE A 117 -12.70 22.75 0.16
N SER A 118 -12.20 23.98 0.09
CA SER A 118 -12.14 24.85 1.27
C SER A 118 -13.55 25.18 1.73
N ARG A 119 -13.85 24.86 2.98
CA ARG A 119 -15.17 25.10 3.52
C ARG A 119 -15.39 26.57 3.96
N PHE A 120 -14.32 27.26 4.33
CA PHE A 120 -14.42 28.64 4.81
C PHE A 120 -13.57 29.53 3.92
N ARG A 121 -14.24 30.35 3.11
CA ARG A 121 -13.55 31.16 2.12
C ARG A 121 -12.96 32.53 2.41
N ASP A 122 -13.27 33.13 3.55
CA ASP A 122 -12.71 34.44 3.89
C ASP A 122 -11.96 34.38 5.22
N GLN A 123 -11.01 35.30 5.40
CA GLN A 123 -10.20 35.32 6.61
C GLN A 123 -11.01 35.48 7.89
N GLU A 124 -12.12 36.22 7.79
CA GLU A 124 -12.96 36.44 8.95
C GLU A 124 -13.46 35.12 9.50
N THR A 125 -14.09 34.34 8.63
CA THR A 125 -14.62 33.05 9.03
C THR A 125 -13.55 32.06 9.48
N VAL A 126 -12.42 32.04 8.78
CA VAL A 126 -11.36 31.13 9.17
C VAL A 126 -10.91 31.45 10.59
N GLY A 127 -10.72 32.74 10.87
CA GLY A 127 -10.30 33.15 12.21
C GLY A 127 -11.24 32.62 13.26
N ALA A 128 -12.54 32.67 12.97
CA ALA A 128 -13.57 32.20 13.88
C ALA A 128 -13.52 30.68 14.06
N VAL A 129 -13.24 29.94 12.99
CA VAL A 129 -13.16 28.49 13.08
C VAL A 129 -11.97 28.13 13.98
N ILE A 130 -10.86 28.83 13.78
CA ILE A 130 -9.65 28.60 14.56
C ILE A 130 -9.92 28.78 16.05
N GLN A 131 -10.58 29.87 16.44
CA GLN A 131 -10.86 30.09 17.86
C GLN A 131 -11.79 29.01 18.40
N LEU A 132 -12.91 28.77 17.73
CA LEU A 132 -13.87 27.76 18.16
C LEU A 132 -13.19 26.40 18.42
N LEU A 133 -12.34 25.97 17.50
CA LEU A 133 -11.67 24.68 17.64
C LEU A 133 -10.50 24.69 18.62
N LYS A 134 -9.78 25.79 18.66
CA LYS A 134 -8.62 25.94 19.54
C LYS A 134 -9.00 25.85 21.03
N SER A 135 -10.20 26.30 21.37
CA SER A 135 -10.63 26.27 22.76
C SER A 135 -11.10 24.89 23.23
N THR A 136 -11.04 23.89 22.34
CA THR A 136 -11.49 22.54 22.69
C THR A 136 -10.41 21.73 23.41
N GLY A 137 -9.15 22.13 23.24
CA GLY A 137 -8.06 21.41 23.87
C GLY A 137 -7.64 20.18 23.09
N LEU A 138 -8.20 20.00 21.89
CA LEU A 138 -7.85 18.85 21.06
C LEU A 138 -6.46 19.00 20.43
N HIS A 139 -5.92 17.90 19.92
CA HIS A 139 -4.60 17.92 19.28
C HIS A 139 -4.67 18.64 17.91
N PRO A 140 -3.59 19.33 17.54
CA PRO A 140 -3.57 20.04 16.24
C PRO A 140 -4.03 19.17 15.06
N PHE A 141 -3.56 17.92 14.99
CA PHE A 141 -3.94 17.04 13.90
C PHE A 141 -5.44 16.80 13.89
N GLU A 142 -6.05 16.79 15.08
CA GLU A 142 -7.49 16.59 15.20
C GLU A 142 -8.20 17.88 14.78
N VAL A 143 -7.68 19.00 15.24
CA VAL A 143 -8.26 20.30 14.92
C VAL A 143 -8.25 20.51 13.40
N ALA A 144 -7.14 20.16 12.76
CA ALA A 144 -6.99 20.31 11.31
C ALA A 144 -8.01 19.45 10.58
N GLN A 145 -8.25 18.25 11.09
CA GLN A 145 -9.22 17.38 10.42
C GLN A 145 -10.65 17.88 10.62
N LEU A 146 -10.97 18.34 11.84
CA LEU A 146 -12.31 18.84 12.12
C LEU A 146 -12.60 20.09 11.33
N GLY A 147 -11.57 20.86 11.04
CA GLY A 147 -11.78 22.08 10.29
C GLY A 147 -11.82 21.81 8.80
N SER A 148 -11.46 20.60 8.37
CA SER A 148 -11.45 20.28 6.94
C SER A 148 -12.63 19.40 6.51
N LEU A 149 -12.90 18.38 7.30
CA LEU A 149 -14.00 17.45 7.01
C LEU A 149 -15.34 17.84 7.60
N ALA A 150 -16.31 18.12 6.75
CA ALA A 150 -17.65 18.46 7.20
C ALA A 150 -18.31 17.17 7.69
N CYS A 151 -18.81 17.19 8.92
CA CYS A 151 -19.47 16.02 9.50
C CYS A 151 -20.81 16.46 10.11
N ASP A 152 -21.84 15.65 9.92
CA ASP A 152 -23.15 16.00 10.46
C ASP A 152 -23.42 15.52 11.88
N THR A 153 -22.85 14.39 12.27
CA THR A 153 -23.08 13.87 13.63
C THR A 153 -21.80 13.52 14.39
N ALA A 154 -21.93 13.46 15.71
CA ALA A 154 -20.82 13.12 16.59
C ALA A 154 -20.25 11.75 16.21
N ASP A 155 -21.13 10.79 15.95
CA ASP A 155 -20.70 9.45 15.56
C ASP A 155 -19.90 9.47 14.26
N GLU A 156 -20.32 10.29 13.31
CA GLU A 156 -19.61 10.39 12.05
C GLU A 156 -18.18 10.91 12.28
N ALA A 157 -18.07 12.04 12.97
CA ALA A 157 -16.77 12.62 13.27
C ALA A 157 -15.90 11.68 14.11
N LYS A 158 -16.45 11.11 15.18
CA LYS A 158 -15.68 10.19 16.01
C LYS A 158 -15.29 8.95 15.24
N THR A 159 -16.09 8.57 14.25
CA THR A 159 -15.75 7.41 13.46
C THR A 159 -14.61 7.75 12.48
N LEU A 160 -14.67 8.95 11.89
CA LEU A 160 -13.65 9.40 10.95
C LEU A 160 -12.37 9.88 11.63
N ILE A 161 -12.49 10.43 12.85
CA ILE A 161 -11.33 10.90 13.59
C ILE A 161 -11.42 10.18 14.95
N PRO A 162 -11.16 8.87 14.95
CA PRO A 162 -11.20 7.97 16.11
C PRO A 162 -10.50 8.40 17.39
N SER A 163 -9.50 9.26 17.30
CA SER A 163 -8.82 9.68 18.51
C SER A 163 -9.66 10.70 19.30
N LEU A 164 -10.82 11.06 18.76
CA LEU A 164 -11.73 12.01 19.43
C LEU A 164 -12.57 11.26 20.47
N ASN A 165 -12.77 9.96 20.22
CA ASN A 165 -13.56 9.05 21.07
C ASN A 165 -13.57 9.34 22.57
N ASN A 166 -12.39 9.38 23.19
CA ASN A 166 -12.30 9.63 24.61
C ASN A 166 -11.77 11.01 24.97
N LYS A 167 -11.79 11.92 24.01
CA LYS A 167 -11.29 13.27 24.30
C LYS A 167 -12.42 14.29 24.44
N ILE A 168 -13.61 13.92 23.98
CA ILE A 168 -14.71 14.87 24.01
C ILE A 168 -16.03 14.12 23.92
N SER A 169 -17.07 14.63 24.58
CA SER A 169 -18.39 14.00 24.58
C SER A 169 -19.18 14.25 23.32
N ASP A 170 -20.08 13.34 22.99
CA ASP A 170 -20.91 13.48 21.80
C ASP A 170 -21.62 14.82 21.87
N ASP A 171 -22.12 15.14 23.06
CA ASP A 171 -22.84 16.36 23.31
C ASP A 171 -22.02 17.58 22.91
N GLU A 172 -20.83 17.69 23.48
CA GLU A 172 -19.94 18.82 23.23
C GLU A 172 -19.43 18.92 21.78
N LEU A 173 -19.31 17.77 21.12
CA LEU A 173 -18.83 17.74 19.74
C LEU A 173 -19.97 18.11 18.79
N GLU A 174 -21.21 17.80 19.19
CA GLU A 174 -22.37 18.12 18.38
C GLU A 174 -22.51 19.63 18.25
N ARG A 175 -22.23 20.36 19.34
CA ARG A 175 -22.34 21.80 19.29
C ARG A 175 -21.28 22.40 18.40
N ILE A 176 -20.06 21.87 18.48
CA ILE A 176 -18.99 22.37 17.63
C ILE A 176 -19.38 22.16 16.17
N LEU A 177 -19.95 20.99 15.88
CA LEU A 177 -20.39 20.64 14.54
C LEU A 177 -21.45 21.62 14.03
N LYS A 178 -22.41 21.96 14.89
CA LYS A 178 -23.48 22.88 14.53
C LYS A 178 -22.86 24.24 14.23
N GLU A 179 -21.96 24.68 15.10
CA GLU A 179 -21.31 25.97 14.88
C GLU A 179 -20.48 25.95 13.59
N LEU A 180 -19.76 24.86 13.31
CA LEU A 180 -18.97 24.81 12.09
C LEU A 180 -19.88 24.88 10.86
N SER A 181 -21.02 24.19 10.93
CA SER A 181 -21.97 24.18 9.83
C SER A 181 -22.54 25.56 9.57
N ASN A 182 -22.71 26.36 10.62
CA ASN A 182 -23.26 27.69 10.42
C ASN A 182 -22.22 28.71 9.98
N LEU A 183 -20.94 28.36 10.06
CA LEU A 183 -19.87 29.27 9.63
C LEU A 183 -19.49 28.98 8.18
N GLU A 184 -20.00 27.86 7.67
CA GLU A 184 -19.74 27.38 6.31
C GLU A 184 -20.11 28.41 5.21
N THR A 185 -19.14 28.76 4.38
CA THR A 185 -19.35 29.71 3.29
C THR A 185 -20.41 29.21 2.30
N LEU A 186 -21.28 30.11 1.86
CA LEU A 186 -22.34 29.77 0.92
C LEU A 186 -22.05 30.22 -0.51
N TYR A 187 -21.15 31.19 -0.68
CA TYR A 187 -20.80 31.69 -2.01
C TYR A 187 -19.60 30.98 -2.59
N MET B 1 -2.11 15.54 4.60
CA MET B 1 -2.35 16.73 5.47
C MET B 1 -1.42 17.88 5.10
N PHE B 2 -1.89 19.10 5.30
CA PHE B 2 -1.08 20.28 5.01
C PHE B 2 -0.49 20.81 6.29
N PHE B 3 0.77 21.24 6.23
CA PHE B 3 1.45 21.82 7.38
C PHE B 3 2.26 23.03 6.93
N ILE B 4 2.75 23.79 7.91
CA ILE B 4 3.64 24.91 7.63
C ILE B 4 4.87 24.36 8.33
N LYS B 5 5.97 24.19 7.61
CA LYS B 5 7.16 23.64 8.22
C LYS B 5 8.41 24.52 8.01
N ASP B 6 9.24 24.61 9.05
CA ASP B 6 10.48 25.38 9.00
C ASP B 6 11.52 24.49 8.34
N LEU B 7 12.11 24.97 7.26
CA LEU B 7 13.11 24.20 6.53
C LEU B 7 14.37 25.01 6.25
N SER B 8 15.33 24.36 5.60
CA SER B 8 16.59 25.00 5.23
C SER B 8 17.25 24.26 4.08
N LEU B 9 17.99 25.01 3.26
CA LEU B 9 18.70 24.46 2.12
C LEU B 9 20.05 25.16 2.07
N ASN B 10 21.10 24.39 1.79
CA ASN B 10 22.43 24.96 1.66
C ASN B 10 22.63 25.29 0.20
N ILE B 11 22.96 26.55 -0.09
CA ILE B 11 23.20 26.95 -1.47
C ILE B 11 24.66 27.37 -1.58
N THR B 12 25.34 26.83 -2.59
CA THR B 12 26.75 27.13 -2.80
C THR B 12 26.88 28.25 -3.82
N LEU B 13 27.32 29.40 -3.35
CA LEU B 13 27.48 30.56 -4.19
C LEU B 13 28.90 31.09 -4.02
N HIS B 14 29.61 31.28 -5.13
CA HIS B 14 30.96 31.79 -5.05
C HIS B 14 31.24 32.92 -6.04
N PRO B 15 32.16 33.85 -5.66
CA PRO B 15 32.61 35.05 -6.39
C PRO B 15 31.87 35.47 -7.64
N SER B 16 31.73 34.55 -8.59
CA SER B 16 31.04 34.85 -9.84
C SER B 16 29.77 35.70 -9.64
N PHE B 17 29.14 35.57 -8.48
CA PHE B 17 27.92 36.31 -8.20
C PHE B 17 27.94 37.37 -7.09
N PHE B 18 28.77 37.17 -6.07
CA PHE B 18 28.86 38.11 -4.95
C PHE B 18 28.53 39.54 -5.36
N GLY B 19 27.77 40.24 -4.52
CA GLY B 19 27.41 41.60 -4.83
C GLY B 19 26.20 42.07 -4.05
N PRO B 20 25.73 43.30 -4.28
CA PRO B 20 24.57 43.86 -3.57
C PRO B 20 23.22 43.30 -4.06
N ARG B 21 23.27 42.14 -4.72
CA ARG B 21 22.06 41.50 -5.23
C ARG B 21 22.04 40.00 -4.95
N MET B 22 23.10 39.51 -4.32
CA MET B 22 23.21 38.08 -4.01
C MET B 22 22.10 37.52 -3.14
N LYS B 23 21.35 38.39 -2.46
CA LYS B 23 20.25 37.94 -1.62
C LYS B 23 19.07 37.60 -2.51
N GLN B 24 18.72 38.52 -3.42
CA GLN B 24 17.62 38.27 -4.33
C GLN B 24 17.95 37.05 -5.19
N TYR B 25 19.24 36.82 -5.40
CA TYR B 25 19.71 35.68 -6.18
C TYR B 25 19.48 34.39 -5.41
N LEU B 26 20.02 34.34 -4.19
CA LEU B 26 19.86 33.19 -3.33
C LEU B 26 18.39 32.79 -3.21
N LYS B 27 17.50 33.78 -3.15
CA LYS B 27 16.08 33.49 -3.05
C LYS B 27 15.58 32.84 -4.33
N THR B 28 15.91 33.45 -5.47
CA THR B 28 15.48 32.92 -6.76
C THR B 28 15.93 31.46 -6.88
N LYS B 29 17.14 31.18 -6.42
CA LYS B 29 17.65 29.82 -6.46
C LYS B 29 16.94 28.95 -5.42
N LEU B 30 16.61 29.52 -4.25
CA LEU B 30 15.91 28.73 -3.25
C LEU B 30 14.62 28.21 -3.89
N LEU B 31 13.82 29.12 -4.44
CA LEU B 31 12.56 28.72 -5.07
C LEU B 31 12.75 27.72 -6.20
N GLU B 32 13.86 27.86 -6.92
CA GLU B 32 14.15 26.95 -8.04
C GLU B 32 14.33 25.50 -7.58
N GLU B 33 15.14 25.32 -6.55
CA GLU B 33 15.45 24.00 -6.02
C GLU B 33 14.42 23.30 -5.13
N VAL B 34 13.69 24.06 -4.32
CA VAL B 34 12.73 23.41 -3.43
C VAL B 34 11.24 23.59 -3.70
N GLU B 35 10.84 24.69 -4.30
CA GLU B 35 9.40 24.87 -4.54
C GLU B 35 8.94 23.97 -5.67
N GLY B 36 7.95 23.14 -5.39
CA GLY B 36 7.44 22.24 -6.40
C GLY B 36 8.15 20.91 -6.33
N SER B 37 9.07 20.79 -5.38
CA SER B 37 9.81 19.55 -5.20
C SER B 37 9.03 18.61 -4.26
N CYS B 38 9.48 17.36 -4.19
CA CYS B 38 8.85 16.36 -3.34
C CYS B 38 9.88 15.35 -2.87
N THR B 39 9.74 14.91 -1.64
CA THR B 39 10.64 13.92 -1.07
C THR B 39 9.84 12.97 -0.20
N GLY B 40 10.33 11.73 -0.11
CA GLY B 40 9.65 10.74 0.71
C GLY B 40 9.57 11.22 2.14
N LYS B 41 10.68 11.73 2.65
CA LYS B 41 10.77 12.22 4.02
C LYS B 41 9.83 13.35 4.44
N PHE B 42 9.85 14.45 3.70
CA PHE B 42 9.02 15.60 4.08
C PHE B 42 7.70 15.76 3.35
N GLY B 43 7.60 15.22 2.15
CA GLY B 43 6.36 15.35 1.39
C GLY B 43 6.53 16.37 0.29
N TYR B 44 5.45 17.03 -0.09
CA TYR B 44 5.54 18.03 -1.14
C TYR B 44 5.81 19.44 -0.58
N ILE B 45 6.86 20.08 -1.06
CA ILE B 45 7.18 21.45 -0.63
C ILE B 45 6.49 22.28 -1.71
N LEU B 46 5.24 22.63 -1.43
CA LEU B 46 4.39 23.36 -2.37
C LEU B 46 4.58 24.86 -2.57
N CYS B 47 4.81 25.59 -1.47
CA CYS B 47 4.92 27.03 -1.58
C CYS B 47 5.73 27.66 -0.46
N VAL B 48 6.84 28.30 -0.82
CA VAL B 48 7.69 28.97 0.16
C VAL B 48 6.92 30.24 0.58
N LEU B 49 6.88 30.49 1.88
CA LEU B 49 6.14 31.62 2.42
C LEU B 49 7.00 32.79 2.83
N ASP B 50 6.35 33.92 3.09
CA ASP B 50 7.03 35.10 3.59
C ASP B 50 8.30 35.42 2.82
N TYR B 51 8.14 35.65 1.51
CA TYR B 51 9.26 35.95 0.63
C TYR B 51 10.22 37.04 1.16
N ASP B 52 9.65 38.21 1.49
CA ASP B 52 10.46 39.32 1.98
C ASP B 52 11.25 39.05 3.24
N ASN B 53 11.05 37.90 3.88
CA ASN B 53 11.76 37.61 5.12
C ASN B 53 12.59 36.32 5.18
N ILE B 54 12.84 35.70 4.03
CA ILE B 54 13.65 34.49 4.02
C ILE B 54 15.00 34.79 4.69
N ASP B 55 15.38 34.01 5.70
CA ASP B 55 16.65 34.23 6.43
C ASP B 55 17.89 33.62 5.76
N ILE B 56 18.77 34.48 5.23
CA ILE B 56 19.96 34.00 4.54
C ILE B 56 21.24 33.68 5.32
N GLN B 57 21.95 34.69 5.78
CA GLN B 57 23.21 34.52 6.52
C GLN B 57 24.33 34.10 5.55
N PHE B 70 26.11 29.12 2.03
CA PHE B 70 25.03 29.86 2.70
C PHE B 70 23.87 28.95 3.08
N ASN B 71 23.55 28.90 4.38
CA ASN B 71 22.43 28.09 4.84
C ASN B 71 21.20 28.98 4.91
N VAL B 72 20.28 28.77 3.98
CA VAL B 72 19.06 29.58 3.94
C VAL B 72 17.92 28.95 4.73
N LYS B 73 17.38 29.72 5.67
CA LYS B 73 16.26 29.27 6.48
C LYS B 73 14.96 29.81 5.87
N TYR B 74 13.89 29.03 5.93
CA TYR B 74 12.62 29.48 5.37
C TYR B 74 11.45 28.64 5.86
N ARG B 75 10.24 29.15 5.62
CA ARG B 75 9.04 28.41 6.01
C ARG B 75 8.30 28.10 4.73
N ALA B 76 7.51 27.02 4.75
CA ALA B 76 6.77 26.62 3.57
C ALA B 76 5.54 25.78 3.89
N VAL B 77 4.59 25.77 2.96
CA VAL B 77 3.40 24.94 3.13
C VAL B 77 3.77 23.58 2.51
N VAL B 78 3.81 22.52 3.32
CA VAL B 78 4.14 21.21 2.79
C VAL B 78 2.93 20.29 2.93
N PHE B 79 2.85 19.28 2.07
CA PHE B 79 1.75 18.34 2.14
C PHE B 79 2.31 16.93 2.24
N LYS B 80 1.79 16.15 3.18
CA LYS B 80 2.23 14.77 3.37
C LYS B 80 1.10 13.98 3.97
N PRO B 81 0.68 12.92 3.27
CA PRO B 81 -0.41 12.07 3.76
C PRO B 81 0.05 11.19 4.93
N PHE B 82 -0.86 10.91 5.84
CA PHE B 82 -0.56 10.07 6.99
C PHE B 82 -1.56 8.92 7.04
N LYS B 83 -1.07 7.74 7.39
CA LYS B 83 -1.93 6.57 7.48
C LYS B 83 -3.03 6.82 8.49
N GLY B 84 -4.24 6.48 8.11
CA GLY B 84 -5.40 6.67 8.97
C GLY B 84 -6.08 8.00 8.71
N GLU B 85 -5.46 8.87 7.92
CA GLU B 85 -6.11 10.15 7.66
C GLU B 85 -7.28 9.98 6.68
N VAL B 86 -8.39 10.64 6.97
CA VAL B 86 -9.55 10.61 6.09
C VAL B 86 -9.54 11.93 5.30
N VAL B 87 -9.69 11.85 3.99
CA VAL B 87 -9.65 13.04 3.15
C VAL B 87 -10.73 13.02 2.07
N ASP B 88 -11.07 14.19 1.55
CA ASP B 88 -12.07 14.29 0.48
C ASP B 88 -11.31 14.58 -0.80
N GLY B 89 -11.78 14.01 -1.91
CA GLY B 89 -11.12 14.22 -3.18
C GLY B 89 -12.04 13.98 -4.36
N THR B 90 -11.49 14.14 -5.57
CA THR B 90 -12.26 13.94 -6.79
C THR B 90 -11.70 12.78 -7.61
N VAL B 91 -12.60 11.90 -8.05
CA VAL B 91 -12.20 10.74 -8.86
C VAL B 91 -11.67 11.19 -10.23
N VAL B 92 -10.44 10.77 -10.53
CA VAL B 92 -9.78 11.13 -11.77
C VAL B 92 -9.87 10.05 -12.86
N SER B 93 -9.93 8.79 -12.45
CA SER B 93 -10.04 7.67 -13.40
C SER B 93 -10.44 6.36 -12.72
N CYS B 94 -11.17 5.53 -13.47
CA CYS B 94 -11.63 4.24 -12.99
C CYS B 94 -11.12 3.11 -13.88
N SER B 95 -11.01 1.92 -13.31
CA SER B 95 -10.56 0.74 -14.04
C SER B 95 -10.94 -0.49 -13.25
N GLN B 96 -10.66 -1.65 -13.82
CA GLN B 96 -10.98 -2.92 -13.18
C GLN B 96 -10.16 -3.05 -11.89
N HIS B 97 -9.09 -2.29 -11.78
CA HIS B 97 -8.23 -2.31 -10.59
C HIS B 97 -8.63 -1.36 -9.46
N GLY B 98 -9.52 -0.41 -9.75
CA GLY B 98 -9.96 0.55 -8.75
C GLY B 98 -10.08 1.94 -9.33
N PHE B 99 -9.95 2.99 -8.50
CA PHE B 99 -10.04 4.35 -9.03
C PHE B 99 -9.12 5.33 -8.33
N GLU B 100 -8.58 6.28 -9.11
CA GLU B 100 -7.68 7.31 -8.59
C GLU B 100 -8.45 8.53 -8.11
N VAL B 101 -8.07 9.04 -6.94
CA VAL B 101 -8.68 10.22 -6.35
C VAL B 101 -7.63 11.33 -6.24
N GLN B 102 -7.96 12.52 -6.74
CA GLN B 102 -7.04 13.65 -6.64
C GLN B 102 -7.22 14.27 -5.26
N VAL B 103 -6.16 14.30 -4.46
CA VAL B 103 -6.19 14.92 -3.13
C VAL B 103 -5.01 15.86 -3.06
N GLY B 104 -5.26 17.16 -3.16
CA GLY B 104 -4.16 18.10 -3.13
C GLY B 104 -3.24 17.87 -4.31
N PRO B 105 -1.93 17.83 -4.11
CA PRO B 105 -0.94 17.62 -5.17
C PRO B 105 -0.77 16.14 -5.50
N MET B 106 -1.60 15.31 -4.87
CA MET B 106 -1.47 13.86 -4.99
C MET B 106 -2.69 13.07 -5.42
N LYS B 107 -2.43 11.86 -5.90
CA LYS B 107 -3.48 10.96 -6.31
C LYS B 107 -3.43 9.79 -5.35
N VAL B 108 -4.60 9.43 -4.81
CA VAL B 108 -4.73 8.33 -3.87
C VAL B 108 -5.39 7.19 -4.62
N PHE B 109 -4.80 6.00 -4.60
CA PHE B 109 -5.41 4.85 -5.30
C PHE B 109 -6.21 3.97 -4.37
N VAL B 110 -7.49 3.86 -4.69
CA VAL B 110 -8.41 3.03 -3.94
C VAL B 110 -8.53 1.74 -4.78
N THR B 111 -7.89 0.66 -4.34
CA THR B 111 -7.96 -0.60 -5.09
C THR B 111 -9.33 -1.22 -4.99
N LYS B 112 -9.67 -2.02 -6.00
CA LYS B 112 -10.93 -2.74 -6.07
C LYS B 112 -11.20 -3.53 -4.79
N HIS B 113 -10.15 -4.00 -4.15
CA HIS B 113 -10.31 -4.80 -2.93
C HIS B 113 -10.60 -3.98 -1.67
N LEU B 114 -10.41 -2.67 -1.74
CA LEU B 114 -10.66 -1.80 -0.60
C LEU B 114 -11.96 -1.01 -0.83
N MET B 115 -12.81 -1.55 -1.71
CA MET B 115 -14.12 -0.99 -2.04
C MET B 115 -15.12 -2.00 -1.51
N PRO B 116 -16.29 -1.55 -1.02
CA PRO B 116 -17.34 -2.42 -0.47
C PRO B 116 -17.76 -3.62 -1.35
N GLN B 117 -18.24 -4.68 -0.69
CA GLN B 117 -18.69 -5.89 -1.37
C GLN B 117 -19.80 -5.57 -2.36
N ASP B 118 -20.90 -5.05 -1.82
CA ASP B 118 -22.08 -4.70 -2.60
C ASP B 118 -21.84 -3.57 -3.63
N LEU B 119 -20.60 -3.11 -3.71
CA LEU B 119 -20.22 -2.07 -4.67
C LEU B 119 -19.13 -2.63 -5.58
N THR B 120 -19.43 -2.75 -6.87
CA THR B 120 -18.44 -3.32 -7.78
C THR B 120 -18.34 -2.60 -9.12
N PHE B 121 -17.29 -2.92 -9.87
CA PHE B 121 -16.98 -2.33 -11.17
C PHE B 121 -18.10 -2.49 -12.18
N ASN B 122 -18.09 -1.60 -13.17
CA ASN B 122 -19.08 -1.62 -14.24
C ASN B 122 -18.62 -0.78 -15.45
N ALA B 123 -17.49 -1.14 -16.06
CA ALA B 123 -16.95 -0.42 -17.22
C ALA B 123 -15.84 -1.18 -17.96
N SER B 129 -17.36 2.83 -14.34
CA SER B 129 -17.77 3.26 -13.00
C SER B 129 -17.94 2.11 -12.00
N TYR B 130 -18.36 2.46 -10.80
CA TYR B 130 -18.59 1.46 -9.78
C TYR B 130 -20.01 1.67 -9.29
N GLN B 131 -20.79 0.60 -9.21
CA GLN B 131 -22.17 0.73 -8.78
C GLN B 131 -22.61 -0.13 -7.63
N SER B 132 -23.65 0.36 -6.97
CA SER B 132 -24.25 -0.29 -5.82
C SER B 132 -25.75 -0.21 -6.06
N SER B 133 -26.53 -0.79 -5.15
CA SER B 133 -27.98 -0.72 -5.26
C SER B 133 -28.29 0.69 -4.79
N GLU B 134 -27.44 1.63 -5.22
CA GLU B 134 -27.57 3.03 -4.84
C GLU B 134 -26.52 3.93 -5.50
N ASP B 135 -25.31 3.97 -4.91
CA ASP B 135 -24.22 4.80 -5.39
C ASP B 135 -23.65 4.49 -6.77
N VAL B 136 -23.06 5.52 -7.39
CA VAL B 136 -22.41 5.43 -8.70
C VAL B 136 -21.16 6.31 -8.66
N ILE B 137 -19.98 5.67 -8.71
CA ILE B 137 -18.70 6.37 -8.67
C ILE B 137 -18.07 6.48 -10.05
N THR B 138 -17.72 7.69 -10.45
CA THR B 138 -17.10 7.94 -11.77
C THR B 138 -16.27 9.22 -11.74
N ILE B 139 -15.65 9.55 -12.88
CA ILE B 139 -14.83 10.75 -12.95
C ILE B 139 -15.63 11.96 -12.51
N LYS B 140 -14.95 12.90 -11.87
CA LYS B 140 -15.53 14.15 -11.33
C LYS B 140 -16.37 13.93 -10.08
N SER B 141 -16.56 12.67 -9.70
CA SER B 141 -17.34 12.37 -8.50
C SER B 141 -16.52 12.73 -7.25
N ARG B 142 -17.17 13.33 -6.26
CA ARG B 142 -16.48 13.71 -5.03
C ARG B 142 -16.61 12.56 -4.06
N ILE B 143 -15.50 12.23 -3.41
CA ILE B 143 -15.54 11.08 -2.50
C ILE B 143 -14.65 11.21 -1.27
N ARG B 144 -15.11 10.59 -0.18
CA ARG B 144 -14.38 10.59 1.08
C ARG B 144 -13.61 9.26 1.19
N VAL B 145 -12.30 9.37 1.33
CA VAL B 145 -11.45 8.20 1.39
C VAL B 145 -10.54 8.15 2.63
N LYS B 146 -10.20 6.93 3.06
CA LYS B 146 -9.31 6.73 4.18
C LYS B 146 -7.96 6.28 3.65
N ILE B 147 -6.89 6.95 4.09
CA ILE B 147 -5.53 6.60 3.69
C ILE B 147 -5.18 5.33 4.48
N GLU B 148 -4.87 4.25 3.79
CA GLU B 148 -4.54 2.97 4.41
C GLU B 148 -3.05 2.73 4.42
N GLY B 149 -2.36 3.33 3.45
CA GLY B 149 -0.94 3.14 3.37
C GLY B 149 -0.26 4.22 2.55
N CYS B 150 0.98 4.53 2.89
CA CYS B 150 1.77 5.53 2.20
C CYS B 150 3.07 4.88 1.86
N ILE B 151 3.52 5.09 0.63
CA ILE B 151 4.79 4.54 0.23
C ILE B 151 5.64 5.73 -0.17
N SER B 152 6.76 5.92 0.51
CA SER B 152 7.62 7.04 0.21
C SER B 152 8.91 6.61 -0.48
N GLN B 153 9.10 7.11 -1.69
CA GLN B 153 10.30 6.83 -2.47
C GLN B 153 11.21 8.04 -2.26
N VAL B 154 12.41 8.00 -2.83
CA VAL B 154 13.35 9.10 -2.69
C VAL B 154 12.74 10.46 -3.07
N SER B 155 12.04 10.50 -4.19
CA SER B 155 11.47 11.76 -4.63
C SER B 155 9.98 11.68 -4.99
N SER B 156 9.24 10.95 -4.18
CA SER B 156 7.81 10.81 -4.43
C SER B 156 7.13 10.09 -3.28
N ILE B 157 5.80 10.17 -3.25
CA ILE B 157 5.04 9.47 -2.23
C ILE B 157 3.79 8.91 -2.89
N HIS B 158 3.34 7.75 -2.42
CA HIS B 158 2.17 7.12 -2.99
C HIS B 158 1.22 6.77 -1.88
N ALA B 159 -0.07 6.86 -2.16
CA ALA B 159 -1.05 6.55 -1.14
C ALA B 159 -2.12 5.61 -1.65
N ILE B 160 -2.52 4.68 -0.79
CA ILE B 160 -3.58 3.73 -1.11
C ILE B 160 -4.74 4.09 -0.20
N GLY B 161 -5.96 4.08 -0.73
CA GLY B 161 -7.10 4.42 0.10
C GLY B 161 -8.21 3.40 0.04
N SER B 162 -9.18 3.53 0.94
CA SER B 162 -10.29 2.61 0.93
C SER B 162 -11.55 3.38 1.24
N ILE B 163 -12.68 2.74 0.98
CA ILE B 163 -13.98 3.34 1.21
C ILE B 163 -14.95 2.32 1.77
N LYS B 164 -14.41 1.27 2.39
CA LYS B 164 -15.24 0.21 2.97
C LYS B 164 -15.92 0.61 4.25
N GLU B 165 -15.18 1.27 5.13
CA GLU B 165 -15.71 1.66 6.43
C GLU B 165 -16.89 2.61 6.38
N ASP B 166 -17.54 2.76 7.54
CA ASP B 166 -18.69 3.65 7.67
C ASP B 166 -18.32 5.10 7.39
N TYR B 167 -19.26 5.82 6.76
CA TYR B 167 -19.07 7.23 6.44
C TYR B 167 -18.03 7.56 5.37
N LEU B 168 -17.53 6.54 4.66
CA LEU B 168 -16.57 6.78 3.58
C LEU B 168 -17.30 6.58 2.26
N GLY B 169 -16.72 7.10 1.18
CA GLY B 169 -17.34 6.94 -0.12
C GLY B 169 -18.00 8.17 -0.72
N ALA B 170 -18.93 7.91 -1.63
CA ALA B 170 -19.70 8.91 -2.36
C ALA B 170 -20.06 10.18 -1.61
N ILE B 171 -19.75 11.32 -2.25
CA ILE B 171 -20.00 12.67 -1.73
C ILE B 171 -18.93 13.16 -0.74
N GLU C 12 9.26 -22.35 17.09
CA GLU C 12 10.39 -21.63 16.44
C GLU C 12 9.97 -21.09 15.06
N LEU C 13 10.90 -20.41 14.37
CA LEU C 13 10.62 -19.85 13.06
C LEU C 13 10.90 -20.83 11.92
N ILE C 14 9.84 -21.32 11.29
CA ILE C 14 9.99 -22.25 10.18
C ILE C 14 9.55 -21.59 8.88
N ALA C 15 10.52 -21.13 8.11
CA ALA C 15 10.22 -20.48 6.83
C ALA C 15 10.57 -21.51 5.76
N LEU C 16 9.71 -21.63 4.75
CA LEU C 16 9.93 -22.61 3.69
C LEU C 16 10.28 -21.93 2.38
N ASN C 17 11.08 -22.60 1.53
CA ASN C 17 11.32 -22.02 0.23
C ASN C 17 10.16 -22.60 -0.61
N LEU C 18 9.91 -22.08 -1.80
CA LEU C 18 8.79 -22.55 -2.61
C LEU C 18 8.74 -24.06 -2.84
N SER C 19 9.88 -24.65 -3.19
CA SER C 19 9.93 -26.09 -3.42
C SER C 19 9.57 -26.93 -2.20
N GLU C 20 9.94 -26.48 -1.00
CA GLU C 20 9.58 -27.23 0.21
C GLU C 20 8.09 -27.09 0.43
N ALA C 21 7.58 -25.88 0.26
CA ALA C 21 6.16 -25.61 0.48
C ALA C 21 5.34 -26.54 -0.40
N ARG C 22 5.77 -26.70 -1.65
CA ARG C 22 5.08 -27.57 -2.61
C ARG C 22 5.06 -29.01 -2.11
N LEU C 23 6.22 -29.53 -1.73
CA LEU C 23 6.28 -30.89 -1.24
C LEU C 23 5.48 -31.04 0.04
N VAL C 24 5.61 -30.08 0.95
CA VAL C 24 4.89 -30.17 2.21
C VAL C 24 3.37 -30.18 2.07
N ILE C 25 2.84 -29.34 1.18
CA ILE C 25 1.39 -29.29 0.98
C ILE C 25 0.88 -30.56 0.30
N LYS C 26 1.57 -30.99 -0.74
CA LYS C 26 1.19 -32.19 -1.47
C LYS C 26 1.16 -33.37 -0.52
N GLU C 27 2.22 -33.51 0.27
CA GLU C 27 2.31 -34.63 1.21
C GLU C 27 1.18 -34.59 2.24
N ALA C 28 0.86 -33.40 2.70
CA ALA C 28 -0.19 -33.26 3.70
C ALA C 28 -1.52 -33.72 3.13
N LEU C 29 -1.78 -33.36 1.87
CA LEU C 29 -3.04 -33.71 1.24
C LEU C 29 -3.11 -35.19 0.86
N VAL C 30 -1.98 -35.76 0.42
CA VAL C 30 -1.95 -37.17 0.06
C VAL C 30 -2.32 -37.98 1.32
N GLU C 31 -1.69 -37.68 2.44
CA GLU C 31 -1.99 -38.36 3.71
C GLU C 31 -3.43 -38.14 4.15
N ARG C 32 -3.98 -36.96 3.88
CA ARG C 32 -5.34 -36.68 4.28
C ARG C 32 -6.31 -37.53 3.45
N ARG C 33 -5.99 -37.67 2.16
CA ARG C 33 -6.83 -38.46 1.28
C ARG C 33 -6.86 -39.89 1.82
N ARG C 34 -5.70 -40.38 2.23
CA ARG C 34 -5.60 -41.71 2.79
C ARG C 34 -6.39 -41.84 4.09
N ALA C 35 -6.28 -40.83 4.96
CA ALA C 35 -7.00 -40.88 6.23
C ALA C 35 -8.49 -40.95 5.94
N PHE C 36 -8.93 -40.17 4.95
CA PHE C 36 -10.34 -40.15 4.58
C PHE C 36 -10.80 -41.52 4.09
N LYS C 37 -10.02 -42.13 3.20
CA LYS C 37 -10.38 -43.44 2.64
C LYS C 37 -10.50 -44.51 3.73
N ARG C 38 -9.56 -44.51 4.68
CA ARG C 38 -9.58 -45.48 5.78
C ARG C 38 -10.81 -45.33 6.69
N SER C 39 -11.31 -44.12 6.82
CA SER C 39 -12.49 -43.84 7.67
C SER C 39 -13.80 -44.10 6.95
N GLN C 40 -13.84 -43.79 5.67
CA GLN C 40 -15.04 -43.97 4.85
C GLN C 40 -15.64 -45.36 4.99
N LYS C 41 -16.96 -45.44 4.84
CA LYS C 41 -17.67 -46.72 4.92
C LYS C 41 -17.26 -47.54 3.70
N LYS C 42 -16.93 -48.82 3.92
CA LYS C 42 -16.50 -49.69 2.83
C LYS C 42 -17.62 -50.28 1.99
N HIS C 43 -17.26 -50.63 0.75
CA HIS C 43 -18.15 -51.27 -0.24
C HIS C 43 -17.72 -50.87 -1.66
N THR C 84 4.81 -35.34 -15.76
CA THR C 84 5.19 -34.02 -16.25
C THR C 84 4.64 -32.93 -15.33
N ARG C 85 4.94 -31.67 -15.66
CA ARG C 85 4.48 -30.54 -14.87
C ARG C 85 3.04 -30.13 -15.24
N GLU C 86 2.55 -30.63 -16.38
CA GLU C 86 1.19 -30.34 -16.82
C GLU C 86 0.26 -31.34 -16.14
N LYS C 87 0.75 -32.57 -15.99
CA LYS C 87 -0.02 -33.62 -15.33
C LYS C 87 -0.11 -33.24 -13.86
N GLU C 88 0.82 -32.39 -13.43
CA GLU C 88 0.87 -31.89 -12.07
C GLU C 88 -0.40 -31.09 -11.84
N LEU C 89 -0.62 -30.09 -12.69
CA LEU C 89 -1.79 -29.24 -12.61
C LEU C 89 -3.09 -30.03 -12.62
N GLU C 90 -3.11 -31.14 -13.37
CA GLU C 90 -4.30 -31.98 -13.43
C GLU C 90 -4.44 -32.79 -12.15
N SER C 91 -3.33 -33.38 -11.72
CA SER C 91 -3.32 -34.17 -10.49
C SER C 91 -3.76 -33.33 -9.31
N ILE C 92 -3.26 -32.10 -9.24
CA ILE C 92 -3.58 -31.19 -8.15
C ILE C 92 -5.08 -30.97 -8.07
N ASP C 93 -5.70 -30.70 -9.21
CA ASP C 93 -7.14 -30.47 -9.24
C ASP C 93 -7.89 -31.67 -8.66
N VAL C 94 -7.44 -32.88 -9.01
CA VAL C 94 -8.08 -34.08 -8.50
C VAL C 94 -7.81 -34.17 -7.01
N LEU C 95 -6.55 -34.03 -6.61
CA LEU C 95 -6.19 -34.12 -5.20
C LEU C 95 -7.02 -33.13 -4.39
N LEU C 96 -7.12 -31.89 -4.84
CA LEU C 96 -7.90 -30.89 -4.12
C LEU C 96 -9.38 -31.26 -4.05
N GLU C 97 -9.93 -31.72 -5.16
CA GLU C 97 -11.34 -32.12 -5.20
C GLU C 97 -11.61 -33.18 -4.14
N GLN C 98 -10.66 -34.10 -4.00
CA GLN C 98 -10.82 -35.19 -3.05
C GLN C 98 -10.52 -34.85 -1.59
N THR C 99 -9.69 -33.83 -1.37
CA THR C 99 -9.31 -33.48 0.00
C THR C 99 -9.76 -32.13 0.54
N THR C 100 -10.14 -31.21 -0.34
CA THR C 100 -10.52 -29.86 0.09
C THR C 100 -12.00 -29.46 0.01
N GLY C 101 -12.33 -28.40 0.75
CA GLY C 101 -13.69 -27.89 0.80
C GLY C 101 -14.20 -27.26 -0.48
N GLY C 102 -13.72 -27.75 -1.63
CA GLY C 102 -14.16 -27.26 -2.92
C GLY C 102 -14.04 -25.78 -3.25
N ASN C 103 -14.22 -24.90 -2.28
CA ASN C 103 -14.13 -23.46 -2.56
C ASN C 103 -12.85 -22.80 -2.06
N ASN C 104 -11.80 -23.59 -1.83
CA ASN C 104 -10.52 -23.04 -1.38
C ASN C 104 -9.67 -22.59 -2.57
N LYS C 105 -9.98 -21.42 -3.12
CA LYS C 105 -9.24 -20.90 -4.25
C LYS C 105 -7.83 -20.48 -3.84
N ASP C 106 -7.66 -20.03 -2.61
CA ASP C 106 -6.33 -19.64 -2.13
C ASP C 106 -5.36 -20.82 -2.29
N LEU C 107 -5.77 -22.00 -1.82
CA LEU C 107 -4.93 -23.18 -1.90
C LEU C 107 -4.72 -23.58 -3.35
N LYS C 108 -5.79 -23.56 -4.15
CA LYS C 108 -5.67 -23.93 -5.55
C LYS C 108 -4.69 -23.02 -6.26
N ASN C 109 -4.86 -21.70 -6.07
CA ASN C 109 -3.94 -20.73 -6.69
C ASN C 109 -2.51 -20.99 -6.22
N THR C 110 -2.37 -21.25 -4.93
CA THR C 110 -1.06 -21.52 -4.38
C THR C 110 -0.40 -22.72 -5.09
N MET C 111 -1.14 -23.83 -5.21
CA MET C 111 -0.61 -25.05 -5.87
C MET C 111 -0.11 -24.84 -7.27
N GLN C 112 -0.88 -24.13 -8.11
CA GLN C 112 -0.44 -23.90 -9.47
C GLN C 112 0.81 -23.02 -9.42
N TYR C 113 0.77 -22.03 -8.55
CA TYR C 113 1.91 -21.13 -8.40
C TYR C 113 3.15 -21.93 -8.06
N LEU C 114 3.05 -22.77 -7.03
CA LEU C 114 4.17 -23.59 -6.62
C LEU C 114 4.63 -24.58 -7.69
N THR C 115 3.71 -25.11 -8.47
CA THR C 115 4.10 -26.03 -9.54
C THR C 115 4.91 -25.27 -10.58
N ASN C 116 4.53 -24.02 -10.84
CA ASN C 116 5.21 -23.22 -11.84
C ASN C 116 6.49 -22.57 -11.38
N PHE C 117 6.62 -22.30 -10.07
CA PHE C 117 7.83 -21.64 -9.62
C PHE C 117 8.77 -22.46 -8.73
N SER C 118 8.46 -23.74 -8.51
CA SER C 118 9.34 -24.56 -7.69
C SER C 118 10.57 -24.95 -8.49
N ARG C 119 11.75 -24.54 -8.02
CA ARG C 119 13.00 -24.82 -8.70
C ARG C 119 13.54 -26.26 -8.49
N PHE C 120 13.22 -26.85 -7.33
CA PHE C 120 13.69 -28.19 -6.99
C PHE C 120 12.46 -29.08 -6.77
N ARG C 121 12.26 -30.02 -7.68
CA ARG C 121 11.07 -30.88 -7.67
C ARG C 121 10.94 -32.13 -6.84
N ASP C 122 12.05 -32.72 -6.39
CA ASP C 122 11.95 -33.96 -5.61
C ASP C 122 12.46 -33.75 -4.19
N GLN C 123 12.01 -34.60 -3.27
CA GLN C 123 12.42 -34.47 -1.88
C GLN C 123 13.93 -34.57 -1.71
N GLU C 124 14.57 -35.45 -2.47
CA GLU C 124 16.01 -35.60 -2.38
C GLU C 124 16.72 -34.26 -2.63
N THR C 125 16.43 -33.66 -3.79
CA THR C 125 17.02 -32.37 -4.16
C THR C 125 16.71 -31.30 -3.14
N VAL C 126 15.44 -31.22 -2.74
CA VAL C 126 15.03 -30.23 -1.75
C VAL C 126 15.82 -30.47 -0.47
N GLY C 127 15.96 -31.73 -0.09
CA GLY C 127 16.71 -32.06 1.10
C GLY C 127 18.15 -31.58 0.98
N ALA C 128 18.74 -31.72 -0.20
CA ALA C 128 20.11 -31.28 -0.44
C ALA C 128 20.21 -29.76 -0.34
N VAL C 129 19.20 -29.07 -0.85
CA VAL C 129 19.19 -27.60 -0.81
C VAL C 129 19.11 -27.09 0.62
N ILE C 130 18.24 -27.69 1.43
CA ILE C 130 18.10 -27.27 2.82
C ILE C 130 19.40 -27.49 3.60
N GLN C 131 20.05 -28.63 3.36
CA GLN C 131 21.31 -28.93 4.04
C GLN C 131 22.35 -27.88 3.66
N LEU C 132 22.48 -27.63 2.36
CA LEU C 132 23.42 -26.64 1.87
C LEU C 132 23.21 -25.26 2.52
N LEU C 133 21.98 -24.77 2.52
CA LEU C 133 21.70 -23.45 3.09
C LEU C 133 21.84 -23.35 4.61
N LYS C 134 21.46 -24.40 5.33
CA LYS C 134 21.58 -24.36 6.79
C LYS C 134 23.04 -24.30 7.21
N SER C 135 23.90 -24.98 6.46
CA SER C 135 25.31 -24.99 6.79
C SER C 135 25.95 -23.62 6.57
N THR C 136 25.13 -22.60 6.32
CA THR C 136 25.63 -21.24 6.12
C THR C 136 25.43 -20.41 7.37
N GLY C 137 24.51 -20.83 8.21
CA GLY C 137 24.25 -20.09 9.44
C GLY C 137 23.39 -18.86 9.23
N LEU C 138 22.87 -18.71 8.02
CA LEU C 138 22.02 -17.57 7.73
C LEU C 138 20.68 -17.74 8.45
N HIS C 139 19.94 -16.63 8.56
CA HIS C 139 18.63 -16.60 9.20
C HIS C 139 17.58 -17.27 8.27
N PRO C 140 16.61 -17.99 8.86
CA PRO C 140 15.55 -18.68 8.10
C PRO C 140 14.92 -17.83 7.00
N PHE C 141 14.67 -16.56 7.29
CA PHE C 141 14.06 -15.68 6.29
C PHE C 141 14.95 -15.50 5.07
N GLU C 142 16.25 -15.61 5.27
CA GLU C 142 17.22 -15.44 4.19
C GLU C 142 17.40 -16.78 3.48
N VAL C 143 17.36 -17.85 4.26
CA VAL C 143 17.50 -19.18 3.69
C VAL C 143 16.30 -19.42 2.76
N ALA C 144 15.11 -19.06 3.23
CA ALA C 144 13.89 -19.25 2.44
C ALA C 144 13.94 -18.50 1.11
N GLN C 145 14.29 -17.21 1.16
CA GLN C 145 14.36 -16.42 -0.06
C GLN C 145 15.44 -16.93 -0.99
N LEU C 146 16.58 -17.28 -0.42
CA LEU C 146 17.72 -17.78 -1.20
C LEU C 146 17.35 -19.12 -1.85
N GLY C 147 16.46 -19.88 -1.21
CA GLY C 147 16.07 -21.15 -1.80
C GLY C 147 14.96 -21.02 -2.82
N SER C 148 14.39 -19.82 -2.94
CA SER C 148 13.28 -19.57 -3.86
C SER C 148 13.69 -18.72 -5.06
N LEU C 149 14.34 -17.59 -4.76
CA LEU C 149 14.79 -16.67 -5.78
C LEU C 149 16.09 -17.14 -6.41
N ALA C 150 16.03 -17.53 -7.68
CA ALA C 150 17.25 -17.95 -8.37
C ALA C 150 18.00 -16.63 -8.60
N CYS C 151 19.29 -16.63 -8.26
CA CYS C 151 20.12 -15.45 -8.44
C CYS C 151 21.43 -15.85 -9.09
N ASP C 152 21.90 -15.03 -10.03
CA ASP C 152 23.13 -15.32 -10.78
C ASP C 152 24.42 -14.83 -10.14
N THR C 153 24.35 -13.72 -9.41
CA THR C 153 25.54 -13.16 -8.77
C THR C 153 25.32 -12.77 -7.32
N ALA C 154 26.44 -12.57 -6.63
CA ALA C 154 26.40 -12.16 -5.23
C ALA C 154 25.70 -10.80 -5.12
N ASP C 155 26.01 -9.92 -6.07
CA ASP C 155 25.45 -8.59 -6.08
C ASP C 155 23.93 -8.62 -6.20
N GLU C 156 23.43 -9.46 -7.09
CA GLU C 156 21.99 -9.58 -7.28
C GLU C 156 21.32 -10.04 -5.98
N ALA C 157 21.81 -11.17 -5.44
CA ALA C 157 21.28 -11.75 -4.21
C ALA C 157 21.36 -10.77 -3.05
N LYS C 158 22.51 -10.11 -2.89
CA LYS C 158 22.67 -9.14 -1.81
C LYS C 158 21.78 -7.92 -2.00
N THR C 159 21.55 -7.55 -3.25
CA THR C 159 20.69 -6.42 -3.53
C THR C 159 19.22 -6.77 -3.27
N LEU C 160 18.83 -7.97 -3.66
CA LEU C 160 17.44 -8.42 -3.48
C LEU C 160 17.14 -8.84 -2.04
N ILE C 161 18.18 -9.21 -1.30
CA ILE C 161 18.04 -9.62 0.09
C ILE C 161 19.08 -8.81 0.88
N PRO C 162 18.82 -7.50 1.06
CA PRO C 162 19.71 -6.58 1.78
C PRO C 162 20.33 -7.02 3.10
N SER C 163 19.64 -7.88 3.84
CA SER C 163 20.19 -8.33 5.12
C SER C 163 21.39 -9.24 4.94
N LEU C 164 21.63 -9.68 3.70
CA LEU C 164 22.76 -10.56 3.45
C LEU C 164 24.02 -9.71 3.37
N ASN C 165 23.86 -8.45 3.01
CA ASN C 165 24.98 -7.53 2.86
C ASN C 165 26.19 -7.85 3.73
N ASN C 166 26.03 -7.80 5.05
CA ASN C 166 27.14 -8.09 5.94
C ASN C 166 26.97 -9.30 6.86
N LYS C 167 26.78 -10.47 6.26
CA LYS C 167 26.62 -11.70 7.03
C LYS C 167 27.41 -12.79 6.32
N ILE C 168 27.73 -12.53 5.05
CA ILE C 168 28.47 -13.50 4.25
C ILE C 168 29.25 -12.75 3.17
N SER C 169 30.39 -13.30 2.75
CA SER C 169 31.20 -12.66 1.73
C SER C 169 30.68 -13.00 0.34
N ASP C 170 31.02 -12.16 -0.64
CA ASP C 170 30.59 -12.41 -2.01
C ASP C 170 31.07 -13.77 -2.49
N ASP C 171 32.32 -14.10 -2.18
CA ASP C 171 32.90 -15.36 -2.59
C ASP C 171 32.13 -16.58 -2.09
N GLU C 172 31.80 -16.58 -0.81
CA GLU C 172 31.06 -17.70 -0.24
C GLU C 172 29.66 -17.73 -0.87
N LEU C 173 29.02 -16.57 -0.96
CA LEU C 173 27.69 -16.50 -1.54
C LEU C 173 27.74 -17.00 -2.99
N GLU C 174 28.77 -16.60 -3.74
CA GLU C 174 28.93 -17.04 -5.14
C GLU C 174 29.00 -18.56 -5.17
N ARG C 175 29.77 -19.13 -4.24
CA ARG C 175 29.92 -20.58 -4.14
C ARG C 175 28.56 -21.24 -3.87
N ILE C 176 27.72 -20.58 -3.08
CA ILE C 176 26.41 -21.11 -2.76
C ILE C 176 25.46 -21.04 -3.96
N LEU C 177 25.45 -19.89 -4.62
CA LEU C 177 24.62 -19.71 -5.81
C LEU C 177 24.92 -20.78 -6.83
N LYS C 178 26.20 -21.11 -6.99
CA LYS C 178 26.63 -22.14 -7.93
C LYS C 178 26.05 -23.50 -7.56
N GLU C 179 26.08 -23.82 -6.27
CA GLU C 179 25.60 -25.09 -5.76
C GLU C 179 24.09 -25.20 -5.93
N LEU C 180 23.38 -24.11 -5.65
CA LEU C 180 21.93 -24.10 -5.80
C LEU C 180 21.64 -24.32 -7.27
N SER C 181 22.33 -23.56 -8.10
CA SER C 181 22.17 -23.66 -9.54
C SER C 181 22.42 -25.09 -10.00
N ASN C 182 23.50 -25.69 -9.50
CA ASN C 182 23.81 -27.06 -9.87
C ASN C 182 22.75 -28.07 -9.41
N LEU C 183 21.99 -27.73 -8.37
CA LEU C 183 20.95 -28.66 -7.89
C LEU C 183 19.61 -28.46 -8.61
N GLU C 184 19.53 -27.37 -9.36
CA GLU C 184 18.34 -26.99 -10.13
C GLU C 184 17.81 -28.13 -11.00
N THR C 185 16.57 -28.55 -10.74
CA THR C 185 15.97 -29.63 -11.51
C THR C 185 15.95 -29.28 -12.99
N LEU C 186 16.51 -30.16 -13.81
CA LEU C 186 16.57 -29.97 -15.25
C LEU C 186 15.38 -30.66 -15.89
N TYR C 187 14.73 -31.53 -15.11
CA TYR C 187 13.57 -32.32 -15.53
C TYR C 187 13.19 -32.20 -17.00
N MET D 1 5.74 -14.64 2.12
CA MET D 1 6.57 -15.80 2.56
C MET D 1 5.71 -16.96 3.10
N PHE D 2 6.21 -18.17 2.90
CA PHE D 2 5.52 -19.37 3.38
C PHE D 2 6.18 -19.84 4.66
N PHE D 3 5.36 -20.20 5.64
CA PHE D 3 5.87 -20.69 6.90
C PHE D 3 5.02 -21.87 7.35
N ILE D 4 5.51 -22.59 8.34
CA ILE D 4 4.74 -23.65 8.96
C ILE D 4 4.57 -23.04 10.36
N LYS D 5 3.33 -22.89 10.80
CA LYS D 5 3.09 -22.28 12.09
C LYS D 5 2.24 -23.14 13.02
N ASP D 6 2.54 -23.07 14.32
CA ASP D 6 1.75 -23.79 15.31
C ASP D 6 0.56 -22.90 15.63
N LEU D 7 -0.65 -23.39 15.37
CA LEU D 7 -1.85 -22.62 15.63
C LEU D 7 -2.81 -23.34 16.55
N SER D 8 -3.86 -22.64 16.99
CA SER D 8 -4.83 -23.24 17.90
C SER D 8 -6.25 -22.78 17.59
N LEU D 9 -7.21 -23.65 17.89
CA LEU D 9 -8.60 -23.31 17.65
C LEU D 9 -9.52 -24.00 18.63
N ASN D 10 -10.34 -23.20 19.30
CA ASN D 10 -11.29 -23.73 20.26
C ASN D 10 -12.59 -24.00 19.55
N ILE D 11 -13.10 -25.22 19.70
CA ILE D 11 -14.35 -25.61 19.04
C ILE D 11 -15.29 -26.14 20.11
N THR D 12 -16.58 -25.90 19.90
CA THR D 12 -17.59 -26.35 20.84
C THR D 12 -18.55 -27.34 20.17
N LEU D 13 -18.88 -28.41 20.90
CA LEU D 13 -19.75 -29.44 20.37
C LEU D 13 -20.94 -29.68 21.31
N PRO D 15 -23.38 -31.09 23.31
CA PRO D 15 -23.25 -32.50 23.68
C PRO D 15 -23.99 -33.43 22.73
N SER D 16 -24.53 -32.85 21.66
CA SER D 16 -25.29 -33.60 20.68
C SER D 16 -24.48 -34.57 19.83
N PHE D 17 -23.17 -34.37 19.73
CA PHE D 17 -22.35 -35.26 18.91
C PHE D 17 -21.27 -36.10 19.60
N PHE D 18 -21.36 -36.28 20.91
CA PHE D 18 -20.38 -37.08 21.63
C PHE D 18 -20.39 -38.51 21.07
N GLY D 19 -19.21 -39.09 20.90
CA GLY D 19 -19.12 -40.44 20.37
C GLY D 19 -17.70 -40.96 20.31
N PRO D 20 -17.49 -42.28 20.08
CA PRO D 20 -16.15 -42.87 20.00
C PRO D 20 -15.32 -42.29 18.87
N ARG D 21 -15.98 -41.67 17.90
CA ARG D 21 -15.28 -41.08 16.76
C ARG D 21 -15.69 -39.64 16.49
N MET D 22 -15.84 -38.87 17.57
CA MET D 22 -16.22 -37.47 17.46
C MET D 22 -14.97 -36.68 17.09
N LYS D 23 -13.82 -37.34 17.23
CA LYS D 23 -12.54 -36.74 16.91
C LYS D 23 -12.43 -36.40 15.42
N GLN D 24 -12.99 -37.26 14.57
CA GLN D 24 -12.95 -37.03 13.13
C GLN D 24 -13.88 -35.87 12.82
N TYR D 25 -14.98 -35.76 13.56
CA TYR D 25 -15.94 -34.69 13.34
C TYR D 25 -15.28 -33.35 13.63
N LEU D 26 -14.60 -33.26 14.76
CA LEU D 26 -13.92 -32.05 15.17
C LEU D 26 -12.83 -31.63 14.16
N LYS D 27 -12.07 -32.60 13.66
CA LYS D 27 -11.05 -32.32 12.67
C LYS D 27 -11.73 -31.72 11.45
N THR D 28 -12.93 -32.19 11.17
CA THR D 28 -13.68 -31.70 10.03
C THR D 28 -14.07 -30.24 10.22
N LYS D 29 -14.61 -29.89 11.40
CA LYS D 29 -14.98 -28.50 11.65
C LYS D 29 -13.73 -27.62 11.64
N LEU D 30 -12.59 -28.18 12.06
CA LEU D 30 -11.35 -27.42 12.08
C LEU D 30 -11.01 -26.99 10.66
N LEU D 31 -11.13 -27.92 9.71
CA LEU D 31 -10.79 -27.58 8.33
C LEU D 31 -11.74 -26.52 7.79
N GLU D 32 -13.04 -26.69 8.04
CA GLU D 32 -14.04 -25.73 7.54
C GLU D 32 -13.81 -24.32 8.07
N GLU D 33 -13.47 -24.25 9.35
CA GLU D 33 -13.25 -22.98 10.03
C GLU D 33 -11.96 -22.24 9.74
N VAL D 34 -10.88 -22.98 9.49
CA VAL D 34 -9.59 -22.35 9.31
C VAL D 34 -8.87 -22.45 7.96
N GLU D 35 -9.04 -23.57 7.28
CA GLU D 35 -8.33 -23.74 6.03
C GLU D 35 -8.98 -22.92 4.93
N GLY D 36 -8.20 -22.01 4.35
CA GLY D 36 -8.74 -21.15 3.32
C GLY D 36 -9.11 -19.80 3.94
N SER D 37 -8.93 -19.68 5.25
CA SER D 37 -9.23 -18.43 5.92
C SER D 37 -8.03 -17.48 5.79
N CYS D 38 -8.21 -16.23 6.25
CA CYS D 38 -7.17 -15.23 6.17
C CYS D 38 -7.38 -14.07 7.12
N THR D 39 -6.31 -13.65 7.78
CA THR D 39 -6.40 -12.50 8.66
C THR D 39 -5.22 -11.59 8.38
N GLY D 40 -5.44 -10.28 8.53
CA GLY D 40 -4.37 -9.32 8.34
C GLY D 40 -3.30 -9.60 9.37
N LYS D 41 -3.72 -10.14 10.52
CA LYS D 41 -2.81 -10.49 11.61
C LYS D 41 -1.70 -11.39 11.13
N PHE D 42 -1.98 -12.66 10.86
CA PHE D 42 -0.90 -13.52 10.39
C PHE D 42 -1.08 -14.26 9.07
N GLY D 43 -1.78 -13.61 8.12
CA GLY D 43 -1.93 -14.20 6.80
C GLY D 43 -2.91 -15.29 6.48
N TYR D 44 -2.62 -15.96 5.38
CA TYR D 44 -3.44 -17.05 4.87
C TYR D 44 -3.09 -18.39 5.48
N ILE D 45 -4.10 -19.05 6.04
CA ILE D 45 -3.91 -20.39 6.58
C ILE D 45 -4.31 -21.23 5.39
N LEU D 46 -3.30 -21.57 4.59
CA LEU D 46 -3.46 -22.33 3.36
C LEU D 46 -3.73 -23.83 3.45
N CYS D 47 -3.08 -24.53 4.37
CA CYS D 47 -3.25 -25.97 4.46
C CYS D 47 -2.91 -26.56 5.82
N VAL D 48 -3.90 -27.19 6.45
CA VAL D 48 -3.66 -27.82 7.74
C VAL D 48 -2.84 -29.08 7.50
N LEU D 49 -1.78 -29.24 8.28
CA LEU D 49 -0.88 -30.37 8.12
C LEU D 49 -1.12 -31.52 9.08
N ASP D 50 -0.42 -32.63 8.83
CA ASP D 50 -0.45 -33.79 9.69
C ASP D 50 -1.82 -34.13 10.25
N TYR D 51 -2.77 -34.40 9.38
CA TYR D 51 -4.14 -34.72 9.75
C TYR D 51 -4.32 -35.84 10.78
N ASP D 52 -3.59 -36.94 10.60
CA ASP D 52 -3.70 -38.08 11.51
C ASP D 52 -3.34 -37.79 12.96
N ASN D 53 -2.48 -36.80 13.19
CA ASN D 53 -2.07 -36.50 14.55
C ASN D 53 -2.49 -35.16 15.14
N ILE D 54 -3.55 -34.55 14.58
CA ILE D 54 -4.02 -33.29 15.12
C ILE D 54 -4.36 -33.52 16.59
N ASP D 55 -3.78 -32.70 17.46
CA ASP D 55 -3.96 -32.79 18.90
C ASP D 55 -5.26 -32.18 19.40
N ILE D 56 -6.18 -33.03 19.87
CA ILE D 56 -7.47 -32.55 20.35
C ILE D 56 -7.73 -32.81 21.83
N GLN D 57 -7.94 -31.73 22.59
CA GLN D 57 -8.21 -31.83 24.01
C GLN D 57 -9.61 -31.30 24.34
N ALA D 68 -19.21 -29.95 24.94
CA ALA D 68 -18.34 -28.93 25.52
C ALA D 68 -17.38 -28.32 24.47
N GLU D 69 -16.26 -27.78 24.94
CA GLU D 69 -15.29 -27.17 24.03
C GLU D 69 -13.94 -27.88 24.12
N PHE D 70 -13.24 -27.92 22.99
CA PHE D 70 -11.94 -28.58 22.92
C PHE D 70 -10.91 -27.64 22.31
N ASN D 71 -9.70 -27.66 22.85
CA ASN D 71 -8.64 -26.83 22.29
C ASN D 71 -7.99 -27.74 21.27
N VAL D 72 -7.91 -27.26 20.04
CA VAL D 72 -7.32 -28.03 18.96
C VAL D 72 -6.03 -27.40 18.50
N LYS D 73 -4.92 -28.05 18.83
CA LYS D 73 -3.60 -27.56 18.43
C LYS D 73 -3.21 -28.26 17.13
N TYR D 74 -2.81 -27.48 16.14
CA TYR D 74 -2.46 -28.06 14.85
C TYR D 74 -1.40 -27.21 14.18
N ARG D 75 -0.91 -27.67 13.03
CA ARG D 75 0.08 -26.93 12.27
C ARG D 75 -0.44 -26.69 10.87
N ALA D 76 -0.04 -25.59 10.26
CA ALA D 76 -0.47 -25.30 8.91
C ALA D 76 0.57 -24.57 8.13
N VAL D 77 0.49 -24.67 6.81
CA VAL D 77 1.37 -23.91 5.96
C VAL D 77 0.64 -22.56 5.89
N VAL D 78 1.36 -21.49 6.20
CA VAL D 78 0.78 -20.15 6.19
C VAL D 78 1.55 -19.23 5.23
N PHE D 79 0.85 -18.27 4.64
CA PHE D 79 1.51 -17.33 3.75
C PHE D 79 1.26 -15.90 4.23
N LYS D 80 2.33 -15.15 4.37
CA LYS D 80 2.18 -13.76 4.78
C LYS D 80 3.25 -12.93 4.14
N PRO D 81 2.84 -11.90 3.40
CA PRO D 81 3.82 -11.03 2.73
C PRO D 81 4.45 -10.05 3.74
N PHE D 82 5.59 -9.49 3.37
CA PHE D 82 6.28 -8.54 4.22
C PHE D 82 6.94 -7.46 3.38
N LYS D 83 6.91 -6.23 3.87
CA LYS D 83 7.51 -5.10 3.17
C LYS D 83 8.97 -5.39 2.89
N GLY D 84 9.41 -5.11 1.66
CA GLY D 84 10.79 -5.35 1.29
C GLY D 84 11.05 -6.73 0.72
N GLU D 85 10.06 -7.60 0.81
CA GLU D 85 10.22 -8.96 0.28
C GLU D 85 10.16 -8.97 -1.26
N VAL D 86 11.12 -9.64 -1.89
CA VAL D 86 11.18 -9.77 -3.33
C VAL D 86 10.60 -11.12 -3.73
N VAL D 87 9.63 -11.12 -4.65
CA VAL D 87 9.01 -12.36 -5.08
C VAL D 87 8.78 -12.45 -6.59
N ASP D 88 8.68 -13.67 -7.10
CA ASP D 88 8.40 -13.90 -8.53
C ASP D 88 6.93 -14.26 -8.65
N GLY D 89 6.32 -13.88 -9.76
CA GLY D 89 4.91 -14.20 -9.95
C GLY D 89 4.51 -14.06 -11.41
N THR D 90 3.21 -14.21 -11.66
CA THR D 90 2.68 -14.12 -13.01
C THR D 90 1.69 -12.96 -13.17
N VAL D 91 1.81 -12.21 -14.26
CA VAL D 91 0.89 -11.10 -14.51
C VAL D 91 -0.47 -11.66 -14.92
N VAL D 92 -1.53 -11.26 -14.22
CA VAL D 92 -2.86 -11.74 -14.55
C VAL D 92 -3.76 -10.66 -15.13
N SER D 93 -3.34 -9.40 -15.05
CA SER D 93 -4.13 -8.28 -15.60
C SER D 93 -3.38 -6.96 -15.67
N CYS D 94 -3.72 -6.14 -16.66
CA CYS D 94 -3.13 -4.82 -16.87
C CYS D 94 -4.23 -3.81 -17.09
N SER D 95 -3.92 -2.57 -16.76
CA SER D 95 -4.85 -1.46 -16.93
C SER D 95 -3.98 -0.22 -16.92
N GLN D 96 -4.60 0.94 -17.07
CA GLN D 96 -3.90 2.23 -17.06
C GLN D 96 -3.29 2.48 -15.67
N HIS D 97 -3.94 1.93 -14.64
CA HIS D 97 -3.47 2.08 -13.26
C HIS D 97 -2.29 1.16 -12.93
N GLY D 98 -2.09 0.11 -13.72
CA GLY D 98 -0.99 -0.81 -13.48
C GLY D 98 -1.37 -2.27 -13.71
N PHE D 99 -0.60 -3.19 -13.13
CA PHE D 99 -0.89 -4.61 -13.30
C PHE D 99 -0.80 -5.45 -12.03
N GLU D 100 -1.59 -6.52 -11.99
CA GLU D 100 -1.58 -7.42 -10.84
C GLU D 100 -0.66 -8.60 -11.12
N VAL D 101 0.01 -9.07 -10.08
CA VAL D 101 0.91 -10.22 -10.19
C VAL D 101 0.42 -11.25 -9.19
N GLN D 102 0.18 -12.47 -9.68
CA GLN D 102 -0.28 -13.55 -8.81
C GLN D 102 0.95 -14.10 -8.10
N VAL D 103 0.92 -14.06 -6.77
CA VAL D 103 2.02 -14.57 -5.94
C VAL D 103 1.36 -15.45 -4.88
N GLY D 104 1.41 -16.75 -5.09
CA GLY D 104 0.79 -17.67 -4.15
C GLY D 104 -0.70 -17.43 -4.19
N PRO D 105 -1.34 -17.27 -3.03
CA PRO D 105 -2.79 -17.03 -2.90
C PRO D 105 -3.11 -15.55 -3.05
N MET D 106 -2.07 -14.75 -3.24
CA MET D 106 -2.22 -13.32 -3.27
C MET D 106 -1.90 -12.60 -4.57
N LYS D 107 -2.56 -11.47 -4.76
CA LYS D 107 -2.33 -10.64 -5.94
C LYS D 107 -1.59 -9.41 -5.47
N VAL D 108 -0.43 -9.16 -6.08
CA VAL D 108 0.39 -8.01 -5.74
C VAL D 108 0.12 -6.99 -6.81
N PHE D 109 -0.32 -5.80 -6.41
CA PHE D 109 -0.58 -4.76 -7.37
C PHE D 109 0.58 -3.79 -7.53
N VAL D 110 1.13 -3.74 -8.74
CA VAL D 110 2.20 -2.82 -9.07
C VAL D 110 1.57 -1.58 -9.73
N THR D 111 1.66 -0.41 -9.07
CA THR D 111 1.07 0.80 -9.66
C THR D 111 1.94 1.34 -10.78
N LYS D 112 1.34 2.07 -11.69
CA LYS D 112 2.11 2.64 -12.80
C LYS D 112 3.21 3.57 -12.30
N HIS D 113 3.04 4.13 -11.10
CA HIS D 113 4.05 5.03 -10.56
C HIS D 113 5.24 4.29 -9.93
N LEU D 114 5.13 2.96 -9.83
CA LEU D 114 6.20 2.15 -9.25
C LEU D 114 6.88 1.33 -10.33
N MET D 115 6.80 1.83 -11.56
CA MET D 115 7.39 1.18 -12.73
C MET D 115 8.35 2.19 -13.37
N PRO D 116 9.32 1.71 -14.15
CA PRO D 116 10.26 2.62 -14.80
C PRO D 116 9.40 3.59 -15.64
N GLN D 117 9.82 4.85 -15.77
CA GLN D 117 9.01 5.80 -16.53
C GLN D 117 8.85 5.49 -18.01
N ASP D 118 9.80 4.75 -18.58
CA ASP D 118 9.72 4.38 -20.00
C ASP D 118 8.66 3.28 -20.27
N LEU D 119 8.20 2.63 -19.21
CA LEU D 119 7.17 1.61 -19.33
C LEU D 119 5.83 2.33 -19.39
N THR D 120 5.12 2.22 -20.50
CA THR D 120 3.83 2.89 -20.63
C THR D 120 2.71 1.99 -21.12
N PHE D 121 1.52 2.19 -20.56
CA PHE D 121 0.35 1.39 -20.92
C PHE D 121 0.01 1.52 -22.40
N ASN D 122 -0.25 0.38 -23.03
CA ASN D 122 -0.63 0.36 -24.43
C ASN D 122 -2.14 0.14 -24.43
N ALA D 123 -2.91 1.20 -24.30
CA ALA D 123 -4.38 1.09 -24.27
C ALA D 123 -4.92 0.56 -25.60
N GLY D 124 -4.02 0.25 -26.53
CA GLY D 124 -4.48 -0.25 -27.82
C GLY D 124 -4.19 -1.72 -28.06
N SER D 125 -3.55 -2.40 -27.10
CA SER D 125 -3.22 -3.81 -27.31
C SER D 125 -4.21 -4.78 -26.67
N ASN D 126 -4.14 -6.03 -27.08
CA ASN D 126 -5.00 -7.04 -26.51
C ASN D 126 -4.30 -8.40 -26.55
N PRO D 127 -4.04 -8.97 -25.37
CA PRO D 127 -4.37 -8.40 -24.05
C PRO D 127 -3.67 -7.08 -23.71
N PRO D 128 -4.21 -6.34 -22.73
CA PRO D 128 -3.62 -5.06 -22.32
C PRO D 128 -2.17 -5.29 -21.91
N SER D 129 -1.32 -4.29 -22.10
CA SER D 129 0.07 -4.45 -21.74
C SER D 129 0.79 -3.13 -21.50
N TYR D 130 1.97 -3.25 -20.90
CA TYR D 130 2.86 -2.11 -20.65
C TYR D 130 4.08 -2.47 -21.47
N GLN D 131 4.73 -1.48 -22.05
CA GLN D 131 5.92 -1.76 -22.84
C GLN D 131 6.92 -0.62 -22.86
N SER D 132 8.15 -0.97 -23.20
CA SER D 132 9.23 0.00 -23.27
C SER D 132 10.03 -0.25 -24.53
N SER D 133 11.29 0.17 -24.52
CA SER D 133 12.17 0.00 -25.66
C SER D 133 12.64 -1.45 -25.80
N GLU D 134 12.44 -2.24 -24.75
CA GLU D 134 12.88 -3.63 -24.79
C GLU D 134 11.85 -4.67 -24.33
N ASP D 135 11.28 -4.46 -23.15
CA ASP D 135 10.31 -5.41 -22.62
C ASP D 135 8.85 -5.13 -22.94
N VAL D 136 8.05 -6.19 -22.88
CA VAL D 136 6.62 -6.14 -23.10
C VAL D 136 5.97 -6.92 -21.95
N ILE D 137 5.36 -6.20 -21.01
CA ILE D 137 4.72 -6.84 -19.88
C ILE D 137 3.22 -7.00 -20.10
N THR D 138 2.76 -8.24 -20.16
CA THR D 138 1.35 -8.51 -20.38
C THR D 138 0.93 -9.77 -19.64
N ILE D 139 -0.33 -10.17 -19.88
CA ILE D 139 -0.91 -11.34 -19.24
C ILE D 139 -0.03 -12.56 -19.49
N LYS D 140 0.23 -13.30 -18.41
CA LYS D 140 1.08 -14.49 -18.42
C LYS D 140 2.59 -14.20 -18.30
N SER D 141 2.99 -12.94 -18.29
CA SER D 141 4.42 -12.58 -18.15
C SER D 141 4.91 -12.97 -16.76
N ARG D 142 6.14 -13.49 -16.66
CA ARG D 142 6.71 -13.87 -15.37
C ARG D 142 7.43 -12.63 -14.88
N ILE D 143 7.28 -12.27 -13.61
CA ILE D 143 7.95 -11.05 -13.17
C ILE D 143 8.41 -11.05 -11.71
N ARG D 144 9.54 -10.41 -11.47
CA ARG D 144 10.14 -10.29 -10.14
C ARG D 144 9.79 -8.91 -9.59
N VAL D 145 9.07 -8.86 -8.46
CA VAL D 145 8.67 -7.59 -7.90
C VAL D 145 9.06 -7.43 -6.44
N LYS D 146 9.07 -6.18 -5.96
CA LYS D 146 9.41 -5.92 -4.58
C LYS D 146 8.16 -5.44 -3.91
N ILE D 147 7.80 -6.06 -2.79
CA ILE D 147 6.62 -5.64 -2.07
C ILE D 147 6.99 -4.37 -1.30
N GLU D 148 6.43 -3.24 -1.74
CA GLU D 148 6.69 -1.93 -1.14
C GLU D 148 5.82 -1.69 0.08
N GLY D 149 4.67 -2.35 0.11
CA GLY D 149 3.77 -2.17 1.23
C GLY D 149 2.71 -3.24 1.33
N CYS D 150 2.29 -3.51 2.55
CA CYS D 150 1.25 -4.48 2.85
C CYS D 150 0.22 -3.75 3.67
N ILE D 151 -1.03 -3.83 3.25
CA ILE D 151 -2.12 -3.21 3.99
C ILE D 151 -2.88 -4.37 4.60
N SER D 152 -2.95 -4.41 5.93
CA SER D 152 -3.67 -5.50 6.58
C SER D 152 -5.03 -5.12 7.12
N GLN D 153 -6.06 -5.78 6.57
CA GLN D 153 -7.44 -5.59 6.98
C GLN D 153 -7.76 -6.70 7.97
N VAL D 154 -8.95 -6.68 8.56
CA VAL D 154 -9.33 -7.71 9.52
C VAL D 154 -9.22 -9.12 8.95
N SER D 155 -9.79 -9.35 7.77
CA SER D 155 -9.74 -10.67 7.18
C SER D 155 -9.15 -10.72 5.77
N SER D 156 -8.15 -9.90 5.50
CA SER D 156 -7.52 -9.92 4.19
C SER D 156 -6.22 -9.13 4.23
N ILE D 157 -5.33 -9.41 3.28
CA ILE D 157 -4.07 -8.71 3.22
C ILE D 157 -3.89 -8.19 1.80
N HIS D 158 -3.38 -6.98 1.68
CA HIS D 158 -3.18 -6.38 0.38
C HIS D 158 -1.73 -6.03 0.21
N ALA D 159 -1.19 -6.28 -0.98
CA ALA D 159 0.20 -5.97 -1.24
C ALA D 159 0.35 -5.03 -2.44
N ILE D 160 1.24 -4.05 -2.30
CA ILE D 160 1.50 -3.11 -3.38
C ILE D 160 2.96 -3.34 -3.74
N GLY D 161 3.26 -3.46 -5.02
CA GLY D 161 4.64 -3.72 -5.41
C GLY D 161 5.29 -2.79 -6.41
N SER D 162 6.59 -3.01 -6.61
CA SER D 162 7.38 -2.22 -7.50
C SER D 162 8.37 -3.03 -8.32
N ILE D 163 8.74 -2.50 -9.48
CA ILE D 163 9.71 -3.11 -10.36
C ILE D 163 10.66 -2.04 -10.83
N LYS D 164 10.76 -0.96 -10.06
CA LYS D 164 11.64 0.17 -10.39
C LYS D 164 13.12 -0.11 -10.15
N GLU D 165 13.44 -0.72 -9.01
CA GLU D 165 14.81 -1.00 -8.64
C GLU D 165 15.54 -2.03 -9.49
N ASP D 166 16.84 -2.18 -9.24
CA ASP D 166 17.68 -3.12 -9.97
C ASP D 166 17.34 -4.56 -9.69
N TYR D 167 17.39 -5.38 -10.74
CA TYR D 167 17.11 -6.81 -10.63
C TYR D 167 15.63 -7.15 -10.47
N LEU D 168 14.77 -6.18 -10.76
CA LEU D 168 13.33 -6.40 -10.68
C LEU D 168 12.81 -6.38 -12.11
N GLY D 169 11.59 -6.86 -12.30
CA GLY D 169 11.02 -6.84 -13.63
C GLY D 169 10.87 -8.19 -14.29
N ALA D 170 10.79 -8.18 -15.62
CA ALA D 170 10.62 -9.37 -16.42
C ALA D 170 11.66 -10.46 -16.17
N ILE D 171 11.18 -11.69 -15.94
CA ILE D 171 12.06 -12.83 -15.70
C ILE D 171 12.26 -13.56 -17.03
#